data_5ZAF
#
_entry.id   5ZAF
#
_cell.length_a   120.851
_cell.length_b   120.851
_cell.length_c   42.864
_cell.angle_alpha   90.00
_cell.angle_beta   90.00
_cell.angle_gamma   120.00
#
_symmetry.space_group_name_H-M   'H 3'
#
loop_
_entity.id
_entity.type
_entity.pdbx_description
1 polymer 'Urokinase-type plasminogen activator chain B'
2 non-polymer 3-azanyl-5-(azepan-1-yl)-N-carbamimidoyl-6-(furan-3-yl)pyrazine-2-carboxamide
3 water water
#
_entity_poly.entity_id   1
_entity_poly.type   'polypeptide(L)'
_entity_poly.pdbx_seq_one_letter_code
;IIGGEFTTIENQPWFAAIYRRHRGGSVTYVCGGSLISPCWVISATHCFIDYPKKEDYIVYLGRSRLNSNTQGEMKFEVEN
LILHKDYSADTLAHHNDIALLKIRSKEGRCAQPSRTIQTIALPSMYNDPQFGTSCEITGFGKEQSTDYLYPEQLKMTVVK
LISHRECQQPHYYGSEVTTKMLCAADPQWKTDSCQGDSGGPLVCSLQGRMTLTGIVSWGRGCALKDKPGVYTRVSHFLPW
IRSHTKEENGLAL
;
_entity_poly.pdbx_strand_id   U
#
# COMPACT_ATOMS: atom_id res chain seq x y z
N ILE A 1 -2.46 -7.30 8.07
CA ILE A 1 -2.16 -8.58 7.38
C ILE A 1 -2.75 -9.73 8.18
N ILE A 2 -3.63 -10.51 7.54
CA ILE A 2 -4.22 -11.70 8.14
C ILE A 2 -3.24 -12.83 7.84
N GLY A 3 -2.85 -13.59 8.86
CA GLY A 3 -1.89 -14.66 8.69
C GLY A 3 -0.51 -14.12 8.38
N GLY A 4 0.23 -14.83 7.53
CA GLY A 4 1.60 -14.43 7.21
C GLY A 4 2.52 -14.45 8.40
N GLU A 5 3.46 -13.53 8.42
CA GLU A 5 4.55 -13.58 9.39
C GLU A 5 4.96 -12.18 9.79
N PHE A 6 5.45 -12.03 11.03
CA PHE A 6 6.06 -10.78 11.43
C PHE A 6 7.36 -10.60 10.69
N THR A 7 7.75 -9.34 10.55
CA THR A 7 8.93 -8.97 9.78
C THR A 7 9.49 -7.67 10.33
N THR A 8 10.55 -7.20 9.70
CA THR A 8 11.13 -5.89 10.01
C THR A 8 11.37 -5.16 8.71
N ILE A 9 11.67 -3.87 8.86
CA ILE A 9 11.80 -2.98 7.71
C ILE A 9 12.93 -3.36 6.74
N GLU A 10 13.94 -4.09 7.21
CA GLU A 10 15.01 -4.58 6.30
C GLU A 10 14.49 -5.47 5.18
N ASN A 11 13.38 -6.17 5.43
CA ASN A 11 12.74 -7.04 4.43
C ASN A 11 11.73 -6.34 3.49
N GLN A 12 11.50 -5.05 3.72
CA GLN A 12 10.65 -4.22 2.86
C GLN A 12 11.05 -2.75 3.06
N PRO A 13 12.30 -2.38 2.74
CA PRO A 13 12.88 -1.07 3.13
C PRO A 13 12.32 0.16 2.38
N TRP A 14 11.47 -0.09 1.39
CA TRP A 14 10.67 0.97 0.73
C TRP A 14 9.35 1.26 1.45
N PHE A 15 9.00 0.48 2.48
CA PHE A 15 7.71 0.64 3.15
C PHE A 15 7.66 1.96 3.94
N ALA A 16 6.60 2.73 3.72
CA ALA A 16 6.40 4.00 4.39
C ALA A 16 5.20 3.87 5.29
N ALA A 17 5.37 4.35 6.52
CA ALA A 17 4.31 4.35 7.53
C ALA A 17 3.75 5.77 7.63
N ILE A 18 2.46 5.93 7.32
CA ILE A 18 1.82 7.25 7.25
C ILE A 18 0.82 7.44 8.39
N TYR A 19 0.98 8.56 9.12
CA TYR A 19 0.18 8.88 10.30
C TYR A 19 -0.49 10.25 10.13
N ARG A 20 -1.54 10.50 10.88
CA ARG A 20 -2.22 11.80 10.86
C ARG A 20 -2.20 12.45 12.24
N ARG A 21 -1.92 13.74 12.28
CA ARG A 21 -2.01 14.52 13.50
C ARG A 21 -3.39 14.97 13.73
N HIS A 22 -3.81 14.90 14.97
CA HIS A 22 -5.13 15.35 15.32
C HIS A 22 -5.09 16.72 15.96
N ARG A 23 -6.24 17.38 15.84
CA ARG A 23 -6.59 18.50 16.65
C ARG A 23 -6.55 17.99 18.05
N GLY A 24 -5.72 18.61 18.87
CA GLY A 24 -5.39 18.06 20.15
C GLY A 24 -4.03 17.42 20.24
N GLY A 25 -3.47 17.07 19.10
CA GLY A 25 -2.09 16.63 19.01
C GLY A 25 -1.76 15.14 19.10
N SER A 26 -2.76 14.31 19.26
CA SER A 26 -2.53 12.89 19.20
C SER A 26 -2.21 12.51 17.75
N VAL A 27 -1.40 11.49 17.54
CA VAL A 27 -1.05 10.99 16.23
C VAL A 27 -1.48 9.53 16.08
N THR A 28 -2.20 9.24 15.01
CA THR A 28 -2.72 7.89 14.76
C THR A 28 -2.28 7.40 13.40
N TYR A 29 -2.18 6.09 13.24
CA TYR A 29 -1.79 5.48 11.97
C TYR A 29 -2.91 5.60 10.95
N VAL A 30 -2.53 5.89 9.70
CA VAL A 30 -3.47 6.02 8.60
C VAL A 30 -3.35 4.83 7.66
N CYS A 31 -2.21 4.74 6.99
CA CYS A 31 -2.03 3.82 5.86
C CYS A 31 -0.56 3.57 5.59
N GLY A 32 -0.31 2.54 4.79
CA GLY A 32 1.01 2.27 4.24
C GLY A 32 1.28 3.07 2.98
N GLY A 33 2.52 3.01 2.51
CA GLY A 33 2.93 3.60 1.25
C GLY A 33 4.24 2.97 0.81
N SER A 34 4.72 3.34 -0.37
CA SER A 34 6.00 2.84 -0.88
C SER A 34 6.88 3.95 -1.43
N LEU A 35 8.16 3.94 -1.07
CA LEU A 35 9.12 4.94 -1.53
C LEU A 35 9.56 4.58 -2.95
N ILE A 36 9.18 5.42 -3.92
CA ILE A 36 9.52 5.20 -5.32
C ILE A 36 10.69 6.07 -5.80
N SER A 37 11.00 7.13 -5.06
CA SER A 37 12.22 7.90 -5.23
C SER A 37 12.51 8.60 -3.90
N PRO A 38 13.71 9.20 -3.74
CA PRO A 38 14.03 9.84 -2.47
C PRO A 38 12.97 10.80 -1.91
N CYS A 39 12.31 11.56 -2.78
CA CYS A 39 11.34 12.57 -2.35
C CYS A 39 9.87 12.16 -2.49
N TRP A 40 9.60 10.96 -3.01
CA TRP A 40 8.22 10.57 -3.36
C TRP A 40 7.78 9.22 -2.78
N VAL A 41 6.64 9.26 -2.07
CA VAL A 41 5.97 8.06 -1.58
C VAL A 41 4.64 7.89 -2.32
N ILE A 42 4.33 6.67 -2.72
CA ILE A 42 3.08 6.36 -3.41
C ILE A 42 2.15 5.56 -2.49
N SER A 43 0.86 5.88 -2.54
CA SER A 43 -0.12 5.31 -1.61
C SER A 43 -1.50 5.27 -2.29
N ALA A 44 -2.58 5.20 -1.50
CA ALA A 44 -3.95 5.14 -2.01
C ALA A 44 -4.70 6.43 -1.64
N THR A 45 -5.42 7.00 -2.61
CA THR A 45 -6.23 8.20 -2.37
C THR A 45 -7.25 8.03 -1.23
N HIS A 46 -7.88 6.87 -1.10
CA HIS A 46 -8.93 6.69 -0.07
C HIS A 46 -8.43 6.92 1.35
N CYS A 47 -7.12 6.74 1.57
CA CYS A 47 -6.49 7.02 2.85
C CYS A 47 -6.58 8.48 3.30
N PHE A 48 -6.65 9.40 2.34
CA PHE A 48 -6.53 10.83 2.59
C PHE A 48 -7.76 11.67 2.24
N ILE A 49 -8.74 11.08 1.56
CA ILE A 49 -9.83 11.86 0.94
C ILE A 49 -10.69 12.60 1.97
N ASP A 50 -10.89 12.00 3.14
CA ASP A 50 -11.67 12.64 4.22
C ASP A 50 -10.93 13.78 4.93
N TYR A 51 -9.60 13.77 4.91
CA TYR A 51 -8.78 14.85 5.48
C TYR A 51 -7.67 15.21 4.49
N PRO A 52 -8.03 15.91 3.39
CA PRO A 52 -7.07 16.12 2.29
C PRO A 52 -5.98 17.20 2.50
N LYS A 53 -5.76 17.64 3.74
CA LYS A 53 -4.81 18.68 4.04
C LYS A 53 -3.45 18.06 4.35
N LYS A 54 -2.44 18.37 3.52
CA LYS A 54 -1.08 17.83 3.66
C LYS A 54 -0.41 18.07 5.02
N GLU A 55 -0.74 19.17 5.68
CA GLU A 55 -0.14 19.52 6.98
C GLU A 55 -0.58 18.58 8.12
N ASP A 56 -1.65 17.83 7.91
CA ASP A 56 -2.14 16.87 8.89
C ASP A 56 -1.31 15.58 8.97
N TYR A 57 -0.42 15.33 8.01
CA TYR A 57 0.23 14.01 7.90
C TYR A 57 1.72 13.99 8.23
N ILE A 58 2.15 12.83 8.73
CA ILE A 58 3.54 12.54 9.05
C ILE A 58 3.89 11.22 8.36
N VAL A 59 5.07 11.16 7.74
CA VAL A 59 5.54 9.95 7.07
C VAL A 59 6.84 9.48 7.71
N TYR A 60 6.88 8.22 8.12
CA TYR A 60 8.12 7.59 8.56
C TYR A 60 8.64 6.60 7.51
N LEU A 61 9.96 6.59 7.33
CA LEU A 61 10.67 5.54 6.61
C LEU A 61 11.60 4.84 7.60
N GLY A 62 11.96 3.60 7.29
CA GLY A 62 12.85 2.81 8.17
C GLY A 62 12.20 2.39 9.48
N ARG A 63 10.88 2.30 9.49
CA ARG A 63 10.14 1.99 10.73
C ARG A 63 9.58 0.55 10.69
N SER A 64 9.91 -0.23 11.71
CA SER A 64 9.45 -1.63 11.86
C SER A 64 8.33 -1.79 12.87
N ARG A 65 8.08 -0.79 13.70
CA ARG A 65 7.06 -0.86 14.74
C ARG A 65 6.12 0.35 14.71
N LEU A 66 4.88 0.11 15.13
CA LEU A 66 3.77 1.04 14.89
C LEU A 66 3.84 2.28 15.80
N ASN A 67 4.03 2.03 17.10
CA ASN A 67 3.94 3.08 18.11
C ASN A 67 5.22 3.24 18.92
N SER A 68 6.34 2.71 18.41
CA SER A 68 7.65 2.94 18.98
C SER A 68 8.64 3.23 17.86
N ASN A 69 9.71 3.95 18.21
CA ASN A 69 10.71 4.35 17.22
C ASN A 69 11.62 3.17 16.90
N THR A 70 11.98 3.04 15.63
CA THR A 70 12.96 2.06 15.16
C THR A 70 14.27 2.78 14.93
N GLN A 71 15.38 2.16 15.34
CA GLN A 71 16.69 2.77 15.17
C GLN A 71 16.96 3.01 13.69
N GLY A 72 17.35 4.24 13.35
CA GLY A 72 17.66 4.62 11.98
C GLY A 72 16.50 5.17 11.16
N GLU A 73 15.31 5.24 11.76
CA GLU A 73 14.13 5.74 11.04
C GLU A 73 14.28 7.22 10.66
N MET A 74 13.49 7.66 9.69
CA MET A 74 13.43 9.09 9.32
C MET A 74 11.98 9.55 9.30
N LYS A 75 11.74 10.77 9.81
CA LYS A 75 10.41 11.37 9.90
C LYS A 75 10.31 12.50 8.89
N PHE A 76 9.18 12.58 8.20
CA PHE A 76 8.96 13.59 7.17
C PHE A 76 7.59 14.25 7.30
N GLU A 77 7.54 15.53 6.95
CA GLU A 77 6.26 16.21 6.69
C GLU A 77 5.91 16.02 5.23
N VAL A 78 4.65 16.30 4.89
CA VAL A 78 4.14 16.12 3.53
C VAL A 78 4.12 17.48 2.85
N GLU A 79 5.08 17.67 1.95
CA GLU A 79 5.22 18.91 1.23
C GLU A 79 4.26 19.01 0.05
N ASN A 80 3.71 17.87 -0.36
CA ASN A 80 2.80 17.81 -1.51
C ASN A 80 1.92 16.57 -1.35
N LEU A 81 0.60 16.75 -1.34
CA LEU A 81 -0.34 15.62 -1.29
C LEU A 81 -1.16 15.63 -2.58
N ILE A 82 -0.91 14.65 -3.43
CA ILE A 82 -1.52 14.59 -4.76
C ILE A 82 -2.46 13.40 -4.84
N LEU A 83 -3.76 13.67 -4.89
CA LEU A 83 -4.80 12.65 -5.00
C LEU A 83 -5.23 12.57 -6.46
N HIS A 84 -5.72 11.40 -6.88
CA HIS A 84 -6.06 11.18 -8.30
C HIS A 84 -7.40 11.84 -8.60
N LYS A 85 -7.39 12.76 -9.57
CA LYS A 85 -8.59 13.54 -9.98
C LYS A 85 -9.83 12.71 -10.31
N ASP A 86 -9.63 11.55 -10.93
CA ASP A 86 -10.70 10.59 -11.26
C ASP A 86 -11.01 9.53 -10.19
N TYR A 87 -10.58 9.75 -8.95
CA TYR A 87 -10.97 8.90 -7.84
C TYR A 87 -12.49 8.82 -7.72
N SER A 88 -13.00 7.64 -7.42
CA SER A 88 -14.41 7.48 -7.09
C SER A 88 -14.58 6.35 -6.09
N ALA A 89 -15.57 6.51 -5.25
CA ALA A 89 -15.90 5.43 -4.37
C ALA A 89 -17.34 5.01 -4.56
N ASP A 90 -17.53 3.75 -4.84
CA ASP A 90 -18.78 3.14 -4.57
C ASP A 90 -18.69 2.46 -3.27
N THR A 91 -19.64 1.58 -3.07
CA THR A 91 -19.83 0.97 -1.80
C THR A 91 -18.58 0.23 -1.31
N LEU A 92 -17.92 -0.51 -2.18
CA LEU A 92 -16.73 -1.23 -1.83
C LEU A 92 -15.56 -0.69 -2.61
N ALA A 93 -15.73 -0.67 -3.90
CA ALA A 93 -14.66 -0.54 -4.81
C ALA A 93 -14.31 0.88 -5.02
N HIS A 94 -13.04 1.19 -4.96
CA HIS A 94 -12.49 2.51 -5.17
C HIS A 94 -11.83 2.51 -6.54
N HIS A 95 -12.24 3.42 -7.42
CA HIS A 95 -11.58 3.57 -8.72
C HIS A 95 -10.45 4.58 -8.61
N ASN A 96 -9.38 4.34 -9.36
CA ASN A 96 -8.20 5.22 -9.40
C ASN A 96 -7.65 5.53 -8.01
N ASP A 97 -7.52 4.48 -7.21
CA ASP A 97 -7.18 4.62 -5.80
C ASP A 97 -5.66 4.69 -5.66
N ILE A 98 -5.13 5.88 -5.97
CA ILE A 98 -3.69 6.09 -6.04
C ILE A 98 -3.39 7.54 -5.67
N ALA A 99 -2.31 7.73 -4.91
CA ALA A 99 -1.96 9.02 -4.36
C ALA A 99 -0.45 9.13 -4.26
N LEU A 100 0.07 10.35 -4.41
CA LEU A 100 1.49 10.65 -4.28
C LEU A 100 1.73 11.63 -3.14
N LEU A 101 2.73 11.33 -2.31
CA LEU A 101 3.14 12.21 -1.22
C LEU A 101 4.59 12.62 -1.44
N LYS A 102 4.81 13.91 -1.64
CA LYS A 102 6.18 14.44 -1.69
C LYS A 102 6.61 14.71 -0.26
N ILE A 103 7.74 14.11 0.13
CA ILE A 103 8.17 14.13 1.52
C ILE A 103 9.33 15.09 1.71
N ARG A 104 9.36 15.75 2.86
CA ARG A 104 10.42 16.68 3.20
C ARG A 104 10.54 16.81 4.71
N SER A 105 11.74 16.61 5.25
CA SER A 105 11.98 16.72 6.69
C SER A 105 11.94 18.19 7.14
N LYS A 106 11.92 18.40 8.46
CA LYS A 106 12.05 19.76 9.02
C LYS A 106 13.39 20.43 8.65
N GLU A 107 14.38 19.64 8.27
CA GLU A 107 15.67 20.14 7.75
C GLU A 107 15.67 20.29 6.22
N GLY A 108 14.51 20.13 5.58
CA GLY A 108 14.35 20.34 4.14
C GLY A 108 14.94 19.26 3.25
N ARG A 109 15.05 18.03 3.75
CA ARG A 109 15.68 16.94 2.98
C ARG A 109 14.72 15.79 2.69
N CYS A 110 15.08 15.03 1.65
CA CYS A 110 14.35 13.85 1.22
C CYS A 110 14.97 12.61 1.88
N ALA A 111 14.52 11.42 1.49
CA ALA A 111 15.07 10.17 2.03
C ALA A 111 16.53 9.97 1.62
N GLN A 112 17.39 9.75 2.62
CA GLN A 112 18.73 9.19 2.45
C GLN A 112 18.70 7.65 2.53
N PRO A 113 18.98 6.94 1.42
CA PRO A 113 18.95 5.47 1.48
C PRO A 113 19.97 4.87 2.46
N SER A 114 19.59 3.75 3.05
CA SER A 114 20.36 3.11 4.11
C SER A 114 20.02 1.62 4.15
N ARG A 115 20.50 0.89 5.15
CA ARG A 115 20.14 -0.52 5.28
C ARG A 115 18.63 -0.73 5.52
N THR A 116 17.96 0.26 6.09
CA THR A 116 16.52 0.19 6.39
C THR A 116 15.64 1.02 5.45
N ILE A 117 16.24 1.75 4.51
CA ILE A 117 15.52 2.67 3.63
C ILE A 117 16.06 2.56 2.19
N GLN A 118 15.20 2.11 1.28
CA GLN A 118 15.57 1.95 -0.14
C GLN A 118 14.34 2.23 -0.98
N THR A 119 14.51 2.52 -2.26
CA THR A 119 13.38 2.69 -3.18
C THR A 119 12.97 1.35 -3.79
N ILE A 120 11.73 1.30 -4.32
CA ILE A 120 11.23 0.15 -5.07
C ILE A 120 10.99 0.57 -6.52
N ALA A 121 11.42 -0.28 -7.45
CA ALA A 121 11.22 -0.03 -8.88
C ALA A 121 9.74 -0.09 -9.25
N LEU A 122 9.34 0.82 -10.15
CA LEU A 122 8.02 0.74 -10.78
C LEU A 122 8.08 -0.27 -11.92
N PRO A 123 6.93 -0.89 -12.27
CA PRO A 123 6.92 -1.79 -13.42
C PRO A 123 7.03 -1.02 -14.73
N SER A 124 7.34 -1.73 -15.80
CA SER A 124 7.22 -1.17 -17.15
C SER A 124 5.74 -1.22 -17.53
N MET A 125 5.33 -0.32 -18.41
CA MET A 125 3.90 -0.10 -18.66
C MET A 125 3.19 -1.37 -19.14
N TYR A 126 2.00 -1.61 -18.59
CA TYR A 126 1.15 -2.75 -18.95
C TYR A 126 1.88 -4.11 -18.88
N ASN A 127 2.87 -4.21 -17.99
CA ASN A 127 3.69 -5.42 -17.83
C ASN A 127 3.57 -5.93 -16.40
N ASP A 128 2.70 -6.92 -16.21
CA ASP A 128 2.47 -7.54 -14.91
C ASP A 128 2.78 -9.03 -15.01
N PRO A 129 2.96 -9.71 -13.85
CA PRO A 129 3.15 -11.16 -13.91
C PRO A 129 1.86 -11.88 -14.30
N GLN A 130 2.00 -13.11 -14.79
CA GLN A 130 0.84 -13.94 -15.14
C GLN A 130 0.07 -14.37 -13.90
N PHE A 131 -1.20 -14.70 -14.08
CA PHE A 131 -2.03 -15.18 -12.97
C PHE A 131 -1.42 -16.44 -12.36
N GLY A 132 -1.60 -16.59 -11.06
CA GLY A 132 -0.95 -17.66 -10.30
C GLY A 132 0.44 -17.33 -9.80
N THR A 133 1.02 -16.19 -10.20
CA THR A 133 2.32 -15.75 -9.69
C THR A 133 2.17 -15.35 -8.22
N SER A 134 3.13 -15.78 -7.40
CA SER A 134 3.15 -15.44 -5.98
C SER A 134 3.80 -14.08 -5.78
N CYS A 135 3.13 -13.19 -5.03
CA CYS A 135 3.68 -11.88 -4.69
C CYS A 135 3.54 -11.65 -3.20
N GLU A 136 4.19 -10.60 -2.71
CA GLU A 136 4.18 -10.30 -1.28
C GLU A 136 3.45 -9.00 -0.99
N ILE A 137 2.85 -8.94 0.19
CA ILE A 137 2.18 -7.73 0.70
C ILE A 137 2.70 -7.47 2.11
N THR A 138 2.76 -6.20 2.48
CA THR A 138 3.37 -5.76 3.73
C THR A 138 2.53 -4.66 4.37
N GLY A 139 2.42 -4.65 5.70
CA GLY A 139 1.68 -3.60 6.37
C GLY A 139 1.49 -3.79 7.87
N PHE A 140 0.97 -2.73 8.50
CA PHE A 140 0.61 -2.70 9.92
C PHE A 140 -0.91 -2.91 10.14
N GLY A 141 -1.62 -3.43 9.13
CA GLY A 141 -3.07 -3.56 9.23
C GLY A 141 -3.50 -4.68 10.15
N LYS A 142 -4.82 -4.81 10.34
CA LYS A 142 -5.36 -5.77 11.30
C LYS A 142 -4.92 -7.20 11.02
N GLU A 143 -4.73 -7.97 12.09
CA GLU A 143 -4.40 -9.40 12.01
C GLU A 143 -5.63 -10.30 11.94
N GLN A 144 -6.76 -9.77 12.38
CA GLN A 144 -8.06 -10.42 12.21
C GLN A 144 -9.09 -9.33 11.93
N SER A 145 -10.09 -9.68 11.13
CA SER A 145 -11.16 -8.74 10.80
C SER A 145 -11.83 -8.18 12.05
N THR A 146 -12.03 -9.04 13.05
CA THR A 146 -12.68 -8.65 14.31
C THR A 146 -11.80 -7.85 15.30
N ASP A 147 -10.50 -7.71 15.02
CA ASP A 147 -9.59 -7.01 15.95
C ASP A 147 -9.91 -5.52 16.06
N TYR A 148 -9.69 -4.99 17.26
CA TYR A 148 -9.80 -3.56 17.50
C TYR A 148 -8.47 -2.87 17.28
N LEU A 149 -7.38 -3.49 17.74
CA LEU A 149 -6.03 -2.93 17.61
C LEU A 149 -5.35 -3.35 16.31
N TYR A 150 -4.37 -2.55 15.90
CA TYR A 150 -3.41 -2.94 14.86
C TYR A 150 -2.21 -3.57 15.54
N PRO A 151 -1.50 -4.50 14.85
CA PRO A 151 -0.28 -5.08 15.39
C PRO A 151 0.78 -4.01 15.58
N GLU A 152 1.59 -4.18 16.62
CA GLU A 152 2.67 -3.27 16.91
C GLU A 152 3.90 -3.51 16.02
N GLN A 153 4.01 -4.70 15.44
CA GLN A 153 5.15 -5.13 14.64
C GLN A 153 4.69 -5.32 13.19
N LEU A 154 5.52 -4.88 12.26
CA LEU A 154 5.24 -5.00 10.83
C LEU A 154 5.04 -6.45 10.43
N LYS A 155 4.14 -6.69 9.48
CA LYS A 155 3.89 -8.02 8.95
C LYS A 155 4.00 -8.08 7.44
N MET A 156 4.22 -9.28 6.92
CA MET A 156 4.09 -9.53 5.50
C MET A 156 3.58 -10.94 5.24
N THR A 157 3.05 -11.14 4.04
CA THR A 157 2.59 -12.46 3.62
C THR A 157 2.69 -12.57 2.12
N VAL A 158 2.30 -13.74 1.62
CA VAL A 158 2.31 -14.04 0.19
C VAL A 158 0.87 -14.30 -0.24
N VAL A 159 0.52 -13.75 -1.41
CA VAL A 159 -0.73 -14.03 -2.08
C VAL A 159 -0.45 -14.28 -3.56
N LYS A 160 -1.36 -14.96 -4.25
CA LYS A 160 -1.21 -15.26 -5.67
C LYS A 160 -2.15 -14.41 -6.51
N LEU A 161 -1.60 -13.90 -7.63
CA LEU A 161 -2.37 -13.07 -8.57
C LEU A 161 -3.52 -13.87 -9.21
N ILE A 162 -4.68 -13.24 -9.30
CA ILE A 162 -5.89 -13.83 -9.87
C ILE A 162 -6.17 -13.10 -11.18
N SER A 163 -6.62 -13.82 -12.20
CA SER A 163 -6.90 -13.19 -13.47
C SER A 163 -8.11 -12.30 -13.44
N HIS A 164 -8.14 -11.33 -14.32
CA HIS A 164 -9.29 -10.46 -14.40
C HIS A 164 -10.53 -11.25 -14.69
N ARG A 165 -10.43 -12.25 -15.54
CA ARG A 165 -11.55 -13.08 -15.81
C ARG A 165 -12.10 -13.76 -14.58
N GLU A 166 -11.24 -14.35 -13.76
CA GLU A 166 -11.71 -15.04 -12.56
C GLU A 166 -12.27 -14.06 -11.52
N CYS A 167 -11.60 -12.91 -11.34
CA CYS A 167 -12.05 -11.92 -10.36
C CYS A 167 -13.35 -11.23 -10.78
N GLN A 168 -13.56 -11.17 -12.09
CA GLN A 168 -14.78 -10.63 -12.72
C GLN A 168 -16.02 -11.51 -12.54
N GLN A 169 -15.84 -12.76 -12.14
CA GLN A 169 -16.97 -13.66 -11.92
C GLN A 169 -17.89 -13.14 -10.85
N PRO A 170 -19.24 -13.43 -11.04
CA PRO A 170 -20.12 -12.86 -10.02
C PRO A 170 -19.92 -13.34 -8.59
N HIS A 171 -19.55 -14.58 -8.37
CA HIS A 171 -19.32 -15.08 -7.02
C HIS A 171 -18.09 -14.42 -6.35
N TYR A 172 -17.24 -13.82 -7.15
CA TYR A 172 -16.11 -13.03 -6.70
C TYR A 172 -16.59 -11.58 -6.65
N TYR A 173 -16.16 -10.73 -7.56
CA TYR A 173 -16.52 -9.34 -7.49
C TYR A 173 -17.38 -8.71 -8.61
N GLY A 174 -17.79 -9.48 -9.59
CA GLY A 174 -18.57 -8.97 -10.72
C GLY A 174 -17.83 -7.88 -11.46
N SER A 175 -18.54 -6.79 -11.78
CA SER A 175 -17.94 -5.63 -12.46
C SER A 175 -17.34 -4.57 -11.52
N GLU A 176 -17.35 -4.83 -10.21
CA GLU A 176 -16.63 -3.97 -9.25
C GLU A 176 -15.13 -3.87 -9.58
N VAL A 177 -14.57 -4.95 -10.10
CA VAL A 177 -13.16 -4.99 -10.53
C VAL A 177 -13.01 -4.54 -11.99
N THR A 178 -12.14 -3.56 -12.21
CA THR A 178 -11.80 -3.06 -13.54
C THR A 178 -10.43 -3.55 -13.97
N THR A 179 -10.04 -3.26 -15.21
CA THR A 179 -8.71 -3.61 -15.72
C THR A 179 -7.57 -2.76 -15.14
N LYS A 180 -7.89 -1.67 -14.44
CA LYS A 180 -6.91 -0.91 -13.67
C LYS A 180 -6.76 -1.40 -12.22
N MET A 181 -7.40 -2.53 -11.89
CA MET A 181 -7.25 -3.20 -10.60
C MET A 181 -6.69 -4.60 -10.78
N LEU A 182 -5.97 -5.10 -9.76
CA LEU A 182 -5.46 -6.47 -9.73
C LEU A 182 -6.04 -7.16 -8.51
N CYS A 183 -6.47 -8.41 -8.68
CA CYS A 183 -6.90 -9.23 -7.55
C CYS A 183 -5.79 -10.18 -7.14
N ALA A 184 -5.71 -10.48 -5.85
CA ALA A 184 -4.75 -11.46 -5.35
C ALA A 184 -5.29 -12.11 -4.09
N ALA A 185 -5.02 -13.41 -3.92
CA ALA A 185 -5.51 -14.15 -2.76
C ALA A 185 -4.73 -15.42 -2.50
N ASP A 186 -4.97 -16.00 -1.33
CA ASP A 186 -4.41 -17.29 -0.96
C ASP A 186 -5.34 -18.39 -1.51
N PRO A 187 -4.78 -19.51 -2.02
CA PRO A 187 -5.64 -20.63 -2.46
C PRO A 187 -6.59 -21.18 -1.39
N GLN A 188 -6.17 -21.13 -0.12
CA GLN A 188 -7.03 -21.48 1.02
C GLN A 188 -7.79 -20.31 1.66
N TRP A 189 -7.64 -19.10 1.11
CA TRP A 189 -8.20 -17.85 1.68
C TRP A 189 -7.74 -17.60 3.13
N LYS A 190 -6.54 -18.10 3.43
CA LYS A 190 -5.97 -18.21 4.78
C LYS A 190 -5.24 -16.93 5.22
N THR A 191 -4.80 -16.15 4.24
CA THR A 191 -3.95 -14.99 4.48
C THR A 191 -4.31 -13.90 3.47
N ASP A 192 -4.19 -12.64 3.87
CA ASP A 192 -4.73 -11.52 3.09
C ASP A 192 -4.29 -10.19 3.69
N SER A 193 -4.47 -9.12 2.92
CA SER A 193 -4.43 -7.77 3.45
C SER A 193 -5.76 -7.46 4.18
N CYS A 194 -5.76 -6.40 4.98
CA CYS A 194 -6.96 -5.98 5.71
C CYS A 194 -6.91 -4.49 6.00
N GLN A 195 -7.93 -3.98 6.71
CA GLN A 195 -7.96 -2.58 7.15
C GLN A 195 -6.65 -2.17 7.82
N GLY A 196 -6.13 -1.02 7.41
CA GLY A 196 -4.82 -0.56 7.85
C GLY A 196 -3.67 -0.92 6.92
N ASP A 197 -3.85 -1.94 6.09
CA ASP A 197 -2.85 -2.25 5.03
C ASP A 197 -2.99 -1.41 3.78
N SER A 198 -4.11 -0.71 3.62
CA SER A 198 -4.35 0.18 2.47
C SER A 198 -3.16 1.08 2.18
N GLY A 199 -2.88 1.28 0.89
CA GLY A 199 -1.79 2.12 0.45
C GLY A 199 -0.44 1.43 0.35
N GLY A 200 -0.29 0.27 1.00
CA GLY A 200 0.98 -0.42 1.05
C GLY A 200 1.26 -1.25 -0.19
N PRO A 201 2.45 -1.85 -0.25
CA PRO A 201 2.95 -2.49 -1.47
C PRO A 201 2.50 -3.92 -1.71
N LEU A 202 2.14 -4.22 -2.95
CA LEU A 202 2.11 -5.57 -3.47
C LEU A 202 3.34 -5.66 -4.38
N VAL A 203 4.31 -6.51 -4.00
CA VAL A 203 5.60 -6.60 -4.70
C VAL A 203 5.74 -7.97 -5.37
N CYS A 204 6.06 -7.95 -6.67
CA CYS A 204 6.32 -9.17 -7.42
C CYS A 204 7.72 -9.11 -8.02
N SER A 205 8.32 -10.28 -8.24
CA SER A 205 9.63 -10.37 -8.87
C SER A 205 9.42 -10.53 -10.36
N LEU A 206 9.75 -9.49 -11.11
CA LEU A 206 9.59 -9.53 -12.54
C LEU A 206 10.91 -9.43 -13.20
N GLN A 207 11.28 -10.49 -13.89
CA GLN A 207 12.50 -10.52 -14.66
C GLN A 207 13.71 -10.24 -13.80
N GLY A 208 13.67 -10.74 -12.57
CA GLY A 208 14.76 -10.63 -11.64
C GLY A 208 14.82 -9.38 -10.81
N ARG A 209 13.76 -8.61 -10.91
CA ARG A 209 13.67 -7.30 -10.29
C ARG A 209 12.41 -7.22 -9.42
N MET A 210 12.59 -6.82 -8.16
CA MET A 210 11.46 -6.58 -7.26
C MET A 210 10.74 -5.33 -7.74
N THR A 211 9.43 -5.45 -7.96
CA THR A 211 8.65 -4.44 -8.67
C THR A 211 7.38 -4.11 -7.93
N LEU A 212 7.05 -2.83 -7.81
CA LEU A 212 5.78 -2.40 -7.19
C LEU A 212 4.62 -2.66 -8.15
N THR A 213 4.06 -3.86 -8.09
CA THR A 213 2.99 -4.29 -9.00
C THR A 213 1.62 -3.72 -8.59
N GLY A 214 1.38 -3.62 -7.29
CA GLY A 214 0.10 -3.18 -6.79
C GLY A 214 0.19 -2.31 -5.54
N ILE A 215 -0.90 -1.61 -5.27
CA ILE A 215 -1.10 -0.82 -4.06
C ILE A 215 -2.38 -1.33 -3.40
N VAL A 216 -2.31 -1.68 -2.11
CA VAL A 216 -3.47 -2.25 -1.40
C VAL A 216 -4.61 -1.23 -1.45
N SER A 217 -5.79 -1.66 -1.91
CA SER A 217 -6.92 -0.74 -2.12
C SER A 217 -8.17 -1.15 -1.37
N TRP A 218 -8.74 -2.33 -1.67
CA TRP A 218 -9.99 -2.75 -1.02
C TRP A 218 -10.25 -4.25 -1.04
N GLY A 219 -11.29 -4.66 -0.32
CA GLY A 219 -11.82 -6.03 -0.39
C GLY A 219 -13.08 -6.19 0.44
N ARG A 220 -13.84 -7.24 0.23
CA ARG A 220 -14.99 -7.49 1.05
C ARG A 220 -14.49 -8.40 2.15
N GLY A 221 -14.46 -7.89 3.38
CA GLY A 221 -13.93 -8.63 4.49
C GLY A 221 -12.43 -8.76 4.29
N CYS A 222 -11.81 -9.61 5.09
CA CYS A 222 -10.43 -9.98 4.96
C CYS A 222 -10.29 -11.49 5.06
N ALA A 223 -9.53 -12.09 4.17
CA ALA A 223 -9.32 -13.53 4.16
C ALA A 223 -10.67 -14.28 4.17
N LEU A 224 -11.61 -13.80 3.34
CA LEU A 224 -12.93 -14.43 3.16
C LEU A 224 -12.94 -15.22 1.86
N LYS A 225 -13.54 -16.40 1.88
CA LYS A 225 -13.67 -17.22 0.67
C LYS A 225 -14.37 -16.45 -0.46
N ASP A 226 -13.81 -16.58 -1.67
CA ASP A 226 -14.27 -15.91 -2.90
C ASP A 226 -14.24 -14.38 -2.88
N LYS A 227 -13.44 -13.79 -1.99
CA LYS A 227 -13.34 -12.34 -1.88
C LYS A 227 -11.86 -11.97 -1.80
N PRO A 228 -11.16 -11.93 -2.95
CA PRO A 228 -9.74 -11.58 -2.94
C PRO A 228 -9.44 -10.16 -2.48
N GLY A 229 -8.16 -9.91 -2.19
CA GLY A 229 -7.69 -8.54 -2.04
C GLY A 229 -7.64 -7.87 -3.39
N VAL A 230 -7.98 -6.58 -3.42
CA VAL A 230 -7.97 -5.81 -4.66
C VAL A 230 -6.95 -4.68 -4.54
N TYR A 231 -6.18 -4.52 -5.60
CA TYR A 231 -4.99 -3.69 -5.62
C TYR A 231 -5.05 -2.76 -6.83
N THR A 232 -4.56 -1.54 -6.66
CA THR A 232 -4.41 -0.62 -7.78
C THR A 232 -3.30 -1.16 -8.68
N ARG A 233 -3.58 -1.27 -9.96
CA ARG A 233 -2.65 -1.86 -10.91
C ARG A 233 -1.64 -0.80 -11.36
N VAL A 234 -0.46 -0.77 -10.71
CA VAL A 234 0.51 0.33 -10.86
C VAL A 234 0.97 0.51 -12.33
N SER A 235 1.12 -0.60 -13.06
CA SER A 235 1.54 -0.55 -14.46
C SER A 235 0.56 0.16 -15.41
N HIS A 236 -0.67 0.42 -14.96
CA HIS A 236 -1.65 1.21 -15.71
C HIS A 236 -1.68 2.71 -15.34
N PHE A 237 -0.78 3.16 -14.47
CA PHE A 237 -0.74 4.57 -14.01
C PHE A 237 0.61 5.26 -14.21
N LEU A 238 1.47 4.72 -15.05
CA LEU A 238 2.82 5.26 -15.17
C LEU A 238 2.87 6.71 -15.69
N PRO A 239 2.01 7.06 -16.67
CA PRO A 239 1.98 8.46 -17.12
C PRO A 239 1.54 9.43 -16.02
N TRP A 240 0.50 9.06 -15.28
CA TRP A 240 0.02 9.85 -14.13
C TRP A 240 1.12 10.02 -13.09
N ILE A 241 1.85 8.95 -12.79
CA ILE A 241 2.96 9.01 -11.84
C ILE A 241 4.08 9.91 -12.36
N ARG A 242 4.51 9.66 -13.61
CA ARG A 242 5.58 10.48 -14.23
C ARG A 242 5.21 11.96 -14.30
N SER A 243 4.01 12.26 -14.77
CA SER A 243 3.56 13.64 -14.91
C SER A 243 3.55 14.37 -13.55
N HIS A 244 3.06 13.70 -12.51
CA HIS A 244 2.95 14.33 -11.18
C HIS A 244 4.25 14.32 -10.33
N THR A 245 5.29 13.63 -10.79
CA THR A 245 6.60 13.60 -10.10
C THR A 245 7.67 14.25 -10.98
#